data_8QCZ
#
_entry.id   8QCZ
#
_cell.length_a   1.00
_cell.length_b   1.00
_cell.length_c   1.00
_cell.angle_alpha   90.00
_cell.angle_beta   90.00
_cell.angle_gamma   90.00
#
_symmetry.space_group_name_H-M   'P 1'
#
loop_
_entity.id
_entity.type
_entity.pdbx_description
1 polymer 'Heme transporter FLVCR2'
2 non-polymer 'PROTOPORPHYRIN IX CONTAINING FE'
#
_entity_poly.entity_id   1
_entity_poly.type   'polypeptide(L)'
_entity_poly.pdbx_seq_one_letter_code
;MVNEGPNQEESDDTPVPESALQADPSVSVHPSVSVHPSVSINPSVSVHPSSSAHPSALAQPSGLAHPSSSGPEDLSVIKV
SRRRWAVVLVFSCYSMCNSFQWIQYGSINNIFMHFYGVSAFAIDWLSMCYMLTYIPLLLPVAWLLEKFGLRTIALTGSAL
NCLGAWVKLGSLKPHLFPVTVVGQLICSVAQVFILGMPSRIASVWFGANEVSTACSVAVFGNQLGIAIGFLVPPVLVPNI
EDRDELAYHISIMFYIIGGVATLLLILVIIVFKEKPKYPPSRAQSLSYALTSPDASYLGSIARLFKNLNFVLLVITYGLN
AGAFYALSTLLNRMVIWHYPGEEVNAGRIGLTIVIAGMLGAVISGIWLDRSKTYKETTLVVYIMTLVGMVVYTFTLNLGH
LWVVFITAGTMGFFMTGYLPLGFEFAVELTYPESEGISSGLLNISAQVFGIIFTISQGQIIDNYGTKPGNIFLCVFLTLG
AALTAFIKADLRRQKANKETLENKLQEEEEESNTSKVPTAVSEDHLDYKDDDDK
;
_entity_poly.pdbx_strand_id   A
#
# COMPACT_ATOMS: atom_id res chain seq x y z
N VAL A 77 -9.06 31.24 -12.34
CA VAL A 77 -9.07 30.42 -13.55
C VAL A 77 -8.57 29.01 -13.23
N ILE A 78 -9.06 28.03 -13.97
CA ILE A 78 -8.74 26.62 -13.75
C ILE A 78 -8.25 26.03 -15.07
N LYS A 79 -7.12 25.34 -15.02
CA LYS A 79 -6.56 24.67 -16.19
C LYS A 79 -5.86 23.40 -15.73
N VAL A 80 -5.69 22.48 -16.66
CA VAL A 80 -5.08 21.19 -16.39
C VAL A 80 -3.76 21.09 -17.15
N SER A 81 -2.69 20.84 -16.43
CA SER A 81 -1.35 20.79 -17.00
C SER A 81 -1.07 19.42 -17.61
N ARG A 82 -0.28 19.42 -18.69
CA ARG A 82 0.03 18.18 -19.39
C ARG A 82 1.02 17.31 -18.64
N ARG A 83 1.77 17.87 -17.70
CA ARG A 83 2.80 17.13 -16.99
C ARG A 83 2.27 16.36 -15.79
N ARG A 84 0.95 16.34 -15.59
CA ARG A 84 0.39 15.63 -14.44
C ARG A 84 0.69 14.14 -14.52
N TRP A 85 0.71 13.58 -15.73
CA TRP A 85 0.98 12.15 -15.86
C TRP A 85 2.43 11.82 -15.57
N ALA A 86 3.35 12.73 -15.93
CA ALA A 86 4.75 12.51 -15.63
C ALA A 86 4.98 12.47 -14.12
N VAL A 87 4.32 13.34 -13.37
CA VAL A 87 4.47 13.36 -11.92
C VAL A 87 3.96 12.06 -11.31
N VAL A 88 2.80 11.59 -11.75
CA VAL A 88 2.27 10.34 -11.23
C VAL A 88 3.09 9.16 -11.71
N LEU A 89 3.50 9.17 -12.98
CA LEU A 89 4.35 8.10 -13.49
C LEU A 89 5.66 8.03 -12.74
N VAL A 90 6.28 9.20 -12.49
CA VAL A 90 7.50 9.23 -11.69
C VAL A 90 7.21 8.79 -10.26
N PHE A 91 6.12 9.28 -9.67
CA PHE A 91 5.77 8.88 -8.32
C PHE A 91 5.47 7.39 -8.25
N SER A 92 4.71 6.87 -9.23
CA SER A 92 4.43 5.44 -9.25
C SER A 92 5.70 4.64 -9.46
N CYS A 93 6.66 5.17 -10.21
CA CYS A 93 7.89 4.44 -10.48
C CYS A 93 8.75 4.31 -9.22
N TYR A 94 8.93 5.41 -8.48
CA TYR A 94 9.75 5.34 -7.28
C TYR A 94 8.97 4.91 -6.05
N SER A 95 7.64 4.87 -6.12
CA SER A 95 6.89 4.07 -5.16
C SER A 95 6.96 2.59 -5.49
N MET A 96 7.07 2.26 -6.78
CA MET A 96 7.31 0.88 -7.19
C MET A 96 8.65 0.38 -6.66
N CYS A 97 9.69 1.20 -6.78
CA CYS A 97 11.00 0.81 -6.26
C CYS A 97 10.98 0.67 -4.75
N ASN A 98 10.34 1.61 -4.05
CA ASN A 98 10.26 1.52 -2.60
C ASN A 98 9.45 0.30 -2.16
N SER A 99 8.35 0.02 -2.84
CA SER A 99 7.56 -1.15 -2.50
C SER A 99 8.28 -2.45 -2.86
N PHE A 100 9.17 -2.39 -3.85
CA PHE A 100 9.97 -3.56 -4.19
C PHE A 100 10.87 -3.97 -3.03
N GLN A 101 11.50 -3.00 -2.39
CA GLN A 101 12.45 -3.29 -1.32
C GLN A 101 11.74 -3.75 -0.05
N TRP A 102 10.43 -3.54 0.05
CA TRP A 102 9.69 -4.10 1.18
C TRP A 102 9.60 -5.62 1.09
N ILE A 103 9.44 -6.15 -0.12
CA ILE A 103 9.18 -7.57 -0.33
C ILE A 103 10.38 -8.30 -0.91
N GLN A 104 11.45 -7.58 -1.29
CA GLN A 104 12.60 -8.25 -1.87
C GLN A 104 13.27 -9.19 -0.88
N TYR A 105 13.16 -8.90 0.41
CA TYR A 105 13.75 -9.78 1.42
C TYR A 105 12.88 -11.02 1.66
N GLY A 106 11.56 -10.89 1.54
CA GLY A 106 10.69 -12.03 1.74
C GLY A 106 10.54 -12.92 0.52
N SER A 107 10.78 -12.37 -0.67
CA SER A 107 10.66 -13.16 -1.88
C SER A 107 11.71 -14.26 -1.93
N ILE A 108 12.92 -13.97 -1.49
CA ILE A 108 14.01 -14.94 -1.45
C ILE A 108 14.36 -15.18 0.01
N ASN A 109 13.34 -15.14 0.87
CA ASN A 109 13.54 -15.31 2.31
C ASN A 109 14.36 -16.55 2.60
N ASN A 110 14.07 -17.66 1.94
CA ASN A 110 14.79 -18.90 2.20
C ASN A 110 16.28 -18.78 1.88
N ILE A 111 16.67 -17.78 1.09
CA ILE A 111 18.08 -17.57 0.77
C ILE A 111 18.75 -16.67 1.80
N PHE A 112 18.07 -15.59 2.20
CA PHE A 112 18.68 -14.63 3.13
C PHE A 112 18.93 -15.24 4.49
N MET A 113 18.13 -16.24 4.90
CA MET A 113 18.41 -16.94 6.14
C MET A 113 19.76 -17.65 6.08
N HIS A 114 20.06 -18.27 4.93
CA HIS A 114 21.33 -18.96 4.78
C HIS A 114 22.49 -17.98 4.65
N PHE A 115 22.27 -16.87 3.94
CA PHE A 115 23.34 -15.91 3.73
C PHE A 115 23.75 -15.24 5.03
N TYR A 116 22.79 -14.72 5.78
CA TYR A 116 23.09 -13.97 7.01
C TYR A 116 23.11 -14.84 8.25
N GLY A 117 22.73 -16.12 8.14
CA GLY A 117 22.69 -16.98 9.31
C GLY A 117 21.71 -16.52 10.37
N VAL A 118 20.50 -16.12 9.95
CA VAL A 118 19.48 -15.65 10.86
C VAL A 118 18.21 -16.46 10.64
N SER A 119 17.33 -16.44 11.64
CA SER A 119 16.07 -17.15 11.57
C SER A 119 15.09 -16.42 10.66
N ALA A 120 14.00 -17.11 10.31
CA ALA A 120 12.96 -16.52 9.49
C ALA A 120 12.27 -15.35 10.18
N PHE A 121 12.35 -15.25 11.50
CA PHE A 121 11.67 -14.07 12.07
C PHE A 121 12.47 -12.84 11.68
N ALA A 122 13.79 -12.91 11.76
CA ALA A 122 14.54 -11.70 11.44
C ALA A 122 14.19 -11.18 10.05
N ILE A 123 14.12 -12.08 9.07
CA ILE A 123 13.82 -11.65 7.70
C ILE A 123 12.38 -11.17 7.60
N ASP A 124 11.47 -11.83 8.29
CA ASP A 124 10.07 -11.41 8.25
C ASP A 124 9.87 -10.02 8.84
N TRP A 125 10.74 -9.62 9.76
CA TRP A 125 10.62 -8.24 10.27
C TRP A 125 11.01 -7.28 9.17
N LEU A 126 12.05 -7.62 8.46
CA LEU A 126 12.49 -6.66 7.44
C LEU A 126 11.33 -6.21 6.57
N SER A 127 10.27 -7.02 6.48
CA SER A 127 9.03 -6.62 5.81
C SER A 127 7.99 -6.06 6.76
N MET A 128 8.02 -6.46 8.03
CA MET A 128 7.07 -5.97 9.02
C MET A 128 7.49 -4.63 9.61
N CYS A 129 8.77 -4.25 9.48
CA CYS A 129 9.19 -2.94 9.97
C CYS A 129 8.58 -1.80 9.15
N TYR A 130 8.08 -2.09 7.95
CA TYR A 130 7.38 -1.08 7.17
C TYR A 130 6.08 -0.67 7.88
N MET A 131 5.36 -1.64 8.44
CA MET A 131 4.11 -1.33 9.11
C MET A 131 4.35 -0.67 10.46
N LEU A 132 5.30 -1.13 11.26
CA LEU A 132 5.47 -0.61 12.65
C LEU A 132 6.11 0.77 12.67
N THR A 133 6.85 1.17 11.65
CA THR A 133 7.38 2.52 11.65
C THR A 133 6.36 3.53 11.16
N TYR A 134 5.38 3.10 10.37
CA TYR A 134 4.37 4.03 9.86
C TYR A 134 3.50 4.57 10.98
N ILE A 135 3.22 3.76 12.00
CA ILE A 135 2.27 4.16 13.03
C ILE A 135 2.71 5.40 13.80
N PRO A 136 3.92 5.46 14.38
CA PRO A 136 4.28 6.65 15.15
C PRO A 136 4.75 7.82 14.30
N LEU A 137 5.40 7.53 13.18
CA LEU A 137 6.09 8.56 12.40
C LEU A 137 5.19 9.25 11.37
N LEU A 138 3.95 8.82 11.21
CA LEU A 138 3.10 9.44 10.18
C LEU A 138 2.72 10.86 10.57
N LEU A 139 2.30 11.04 11.82
CA LEU A 139 1.83 12.38 12.23
C LEU A 139 2.98 13.37 12.00
N PRO A 140 4.22 13.22 12.51
CA PRO A 140 5.26 14.20 12.17
C PRO A 140 5.46 14.36 10.67
N VAL A 141 5.34 13.28 9.90
CA VAL A 141 5.53 13.36 8.45
C VAL A 141 4.40 14.15 7.80
N ALA A 142 3.15 13.91 8.23
CA ALA A 142 2.03 14.67 7.70
C ALA A 142 2.16 16.15 8.01
N TRP A 143 2.78 16.49 9.15
CA TRP A 143 3.02 17.89 9.47
C TRP A 143 4.04 18.50 8.51
N LEU A 144 5.06 17.72 8.11
CA LEU A 144 6.05 18.23 7.17
C LEU A 144 5.42 18.55 5.83
N LEU A 145 4.46 17.72 5.39
CA LEU A 145 3.81 17.94 4.10
C LEU A 145 3.06 19.27 4.08
N GLU A 146 2.35 19.58 5.17
CA GLU A 146 1.58 20.82 5.21
C GLU A 146 2.48 22.04 5.24
N LYS A 147 3.57 21.98 6.00
CA LYS A 147 4.42 23.14 6.21
C LYS A 147 5.40 23.39 5.08
N PHE A 148 5.99 22.33 4.53
CA PHE A 148 7.05 22.48 3.53
C PHE A 148 6.57 22.26 2.10
N GLY A 149 5.55 21.43 1.90
CA GLY A 149 5.00 21.21 0.57
C GLY A 149 5.13 19.76 0.13
N LEU A 150 4.54 19.49 -1.03
CA LEU A 150 4.56 18.14 -1.58
C LEU A 150 5.90 17.78 -2.21
N ARG A 151 6.57 18.76 -2.83
CA ARG A 151 7.85 18.47 -3.48
C ARG A 151 8.90 18.02 -2.47
N THR A 152 8.97 18.70 -1.33
CA THR A 152 9.90 18.29 -0.28
C THR A 152 9.56 16.90 0.23
N ILE A 153 8.26 16.57 0.30
CA ILE A 153 7.85 15.21 0.65
C ILE A 153 8.35 14.23 -0.39
N ALA A 154 8.22 14.58 -1.67
CA ALA A 154 8.68 13.68 -2.73
C ALA A 154 10.19 13.52 -2.74
N LEU A 155 10.92 14.63 -2.57
CA LEU A 155 12.38 14.56 -2.55
C LEU A 155 12.87 13.71 -1.38
N THR A 156 12.37 13.99 -0.17
CA THR A 156 12.80 13.22 0.99
C THR A 156 12.39 11.76 0.86
N GLY A 157 11.18 11.50 0.36
CA GLY A 157 10.77 10.13 0.13
C GLY A 157 11.63 9.42 -0.90
N SER A 158 12.03 10.14 -1.94
CA SER A 158 12.92 9.57 -2.95
C SER A 158 14.36 9.46 -2.44
N ALA A 159 14.85 10.49 -1.74
CA ALA A 159 16.22 10.46 -1.26
C ALA A 159 16.42 9.35 -0.23
N LEU A 160 15.49 9.23 0.72
CA LEU A 160 15.59 8.15 1.70
C LEU A 160 15.46 6.79 1.04
N ASN A 161 14.60 6.68 0.03
CA ASN A 161 14.51 5.45 -0.74
C ASN A 161 15.82 5.16 -1.46
N CYS A 162 16.44 6.20 -2.02
CA CYS A 162 17.75 6.02 -2.66
C CYS A 162 18.83 5.77 -1.62
N LEU A 163 18.80 6.53 -0.52
CA LEU A 163 19.80 6.33 0.54
C LEU A 163 19.68 4.94 1.15
N GLY A 164 18.46 4.49 1.41
CA GLY A 164 18.26 3.15 1.94
C GLY A 164 18.67 2.07 0.96
N ALA A 165 18.49 2.32 -0.34
CA ALA A 165 18.92 1.35 -1.34
C ALA A 165 20.44 1.21 -1.37
N TRP A 166 21.17 2.32 -1.21
CA TRP A 166 22.62 2.27 -1.24
C TRP A 166 23.22 1.70 0.04
N VAL A 167 22.56 1.91 1.19
CA VAL A 167 23.07 1.38 2.44
C VAL A 167 23.03 -0.14 2.42
N LYS A 168 22.00 -0.71 1.79
CA LYS A 168 21.89 -2.16 1.70
C LYS A 168 23.11 -2.76 0.98
N LEU A 169 23.66 -2.02 0.02
CA LEU A 169 24.80 -2.50 -0.75
C LEU A 169 26.02 -2.75 0.12
N GLY A 170 26.26 -1.91 1.12
CA GLY A 170 27.37 -2.11 2.02
C GLY A 170 27.14 -3.15 3.09
N SER A 171 26.33 -4.16 2.81
CA SER A 171 25.98 -5.20 3.78
C SER A 171 26.08 -6.59 3.18
N LEU A 172 27.01 -6.79 2.25
CA LEU A 172 27.14 -8.06 1.54
C LEU A 172 28.13 -9.01 2.21
N LYS A 173 27.92 -9.25 3.50
CA LYS A 173 28.73 -10.21 4.25
C LYS A 173 27.82 -10.99 5.18
N PRO A 174 28.15 -12.25 5.46
CA PRO A 174 27.31 -13.05 6.37
C PRO A 174 27.18 -12.46 7.75
N HIS A 175 28.23 -11.83 8.27
CA HIS A 175 28.22 -11.27 9.61
C HIS A 175 27.77 -9.82 9.66
N LEU A 176 27.41 -9.24 8.52
CA LEU A 176 27.07 -7.81 8.42
C LEU A 176 25.57 -7.61 8.29
N PHE A 177 24.78 -8.42 9.01
CA PHE A 177 23.33 -8.31 8.97
C PHE A 177 22.79 -6.96 9.43
N PRO A 178 23.26 -6.36 10.53
CA PRO A 178 22.62 -5.13 11.02
C PRO A 178 22.60 -3.98 10.03
N VAL A 179 23.51 -3.95 9.07
CA VAL A 179 23.49 -2.87 8.08
C VAL A 179 22.24 -2.96 7.22
N THR A 180 21.76 -4.17 6.91
CA THR A 180 20.50 -4.31 6.19
C THR A 180 19.34 -3.73 6.99
N VAL A 181 19.30 -4.01 8.29
CA VAL A 181 18.24 -3.48 9.14
C VAL A 181 18.30 -1.96 9.17
N VAL A 182 19.51 -1.41 9.27
CA VAL A 182 19.66 0.05 9.16
C VAL A 182 19.23 0.52 7.78
N GLY A 183 19.62 -0.21 6.74
CA GLY A 183 19.19 0.15 5.40
C GLY A 183 17.70 -0.02 5.20
N GLN A 184 17.11 -1.06 5.80
CA GLN A 184 15.68 -1.27 5.65
C GLN A 184 14.87 -0.28 6.46
N LEU A 185 15.37 0.11 7.63
CA LEU A 185 14.67 1.11 8.43
C LEU A 185 14.62 2.45 7.71
N ILE A 186 15.70 2.83 7.04
CA ILE A 186 15.70 4.06 6.26
C ILE A 186 14.68 4.01 5.14
N CYS A 187 14.59 2.86 4.46
CA CYS A 187 13.55 2.68 3.45
C CYS A 187 12.16 2.68 4.07
N SER A 188 12.02 2.05 5.24
CA SER A 188 10.71 2.01 5.90
C SER A 188 10.25 3.40 6.29
N VAL A 189 11.18 4.27 6.69
CA VAL A 189 10.84 5.67 6.92
C VAL A 189 10.38 6.32 5.63
N ALA A 190 10.99 5.97 4.50
CA ALA A 190 10.58 6.55 3.22
C ALA A 190 9.18 6.12 2.84
N GLN A 191 8.71 4.97 3.33
CA GLN A 191 7.33 4.55 3.08
C GLN A 191 6.34 5.55 3.65
N VAL A 192 6.66 6.13 4.81
CA VAL A 192 5.78 7.12 5.42
C VAL A 192 5.58 8.32 4.51
N PHE A 193 6.55 8.59 3.64
CA PHE A 193 6.44 9.63 2.64
C PHE A 193 5.83 9.13 1.33
N ILE A 194 5.28 7.91 1.33
CA ILE A 194 4.81 7.29 0.10
C ILE A 194 3.35 6.86 0.21
N LEU A 195 3.04 6.06 1.24
CA LEU A 195 1.75 5.37 1.29
C LEU A 195 0.58 6.33 1.49
N GLY A 196 0.79 7.42 2.22
CA GLY A 196 -0.30 8.35 2.45
C GLY A 196 -0.42 9.42 1.38
N MET A 197 0.59 9.49 0.52
CA MET A 197 0.70 10.51 -0.52
C MET A 197 -0.19 10.36 -1.75
N PRO A 198 -0.56 9.15 -2.21
CA PRO A 198 -1.23 9.06 -3.53
C PRO A 198 -2.47 9.92 -3.66
N SER A 199 -3.28 10.06 -2.62
CA SER A 199 -4.43 10.95 -2.70
C SER A 199 -4.01 12.41 -2.75
N ARG A 200 -2.86 12.75 -2.17
CA ARG A 200 -2.39 14.13 -2.20
C ARG A 200 -1.87 14.50 -3.59
N ILE A 201 -1.09 13.64 -4.22
CA ILE A 201 -0.59 13.92 -5.56
C ILE A 201 -1.75 14.01 -6.55
N ALA A 202 -2.72 13.11 -6.44
CA ALA A 202 -3.86 13.13 -7.35
C ALA A 202 -4.65 14.42 -7.20
N SER A 203 -4.83 14.90 -5.97
CA SER A 203 -5.60 16.11 -5.75
C SER A 203 -4.92 17.33 -6.35
N VAL A 204 -3.63 17.53 -6.05
CA VAL A 204 -2.94 18.75 -6.45
C VAL A 204 -2.78 18.80 -7.97
N TRP A 205 -2.64 17.65 -8.62
CA TRP A 205 -2.24 17.62 -10.02
C TRP A 205 -3.39 17.38 -11.00
N PHE A 206 -4.36 16.54 -10.65
CA PHE A 206 -5.34 16.07 -11.60
C PHE A 206 -6.71 16.73 -11.40
N GLY A 207 -7.45 16.83 -12.50
CA GLY A 207 -8.72 17.52 -12.51
C GLY A 207 -9.84 16.73 -11.87
N ALA A 208 -11.03 17.33 -11.89
CA ALA A 208 -12.17 16.75 -11.19
C ALA A 208 -12.55 15.39 -11.78
N ASN A 209 -12.55 15.27 -13.10
CA ASN A 209 -12.98 14.04 -13.74
C ASN A 209 -11.89 12.98 -13.83
N GLU A 210 -10.67 13.29 -13.37
CA GLU A 210 -9.60 12.30 -13.39
C GLU A 210 -8.84 12.24 -12.06
N VAL A 211 -9.41 12.78 -10.98
CA VAL A 211 -8.71 12.81 -9.70
C VAL A 211 -8.63 11.40 -9.10
N SER A 212 -9.72 10.63 -9.20
CA SER A 212 -9.71 9.29 -8.63
C SER A 212 -8.92 8.29 -9.48
N THR A 213 -8.82 8.52 -10.78
CA THR A 213 -8.01 7.65 -11.63
C THR A 213 -6.53 7.76 -11.26
N ALA A 214 -6.06 8.98 -10.99
CA ALA A 214 -4.65 9.18 -10.67
C ALA A 214 -4.27 8.49 -9.36
N CYS A 215 -5.16 8.53 -8.37
CA CYS A 215 -4.89 7.85 -7.12
C CYS A 215 -4.74 6.35 -7.32
N SER A 216 -5.56 5.77 -8.21
CA SER A 216 -5.46 4.35 -8.48
C SER A 216 -4.15 3.99 -9.16
N VAL A 217 -3.69 4.84 -10.08
CA VAL A 217 -2.44 4.57 -10.77
C VAL A 217 -1.27 4.56 -9.79
N ALA A 218 -1.28 5.49 -8.82
CA ALA A 218 -0.26 5.47 -7.79
C ALA A 218 -0.33 4.19 -6.96
N VAL A 219 -1.54 3.74 -6.62
CA VAL A 219 -1.69 2.44 -5.97
C VAL A 219 -1.36 1.32 -6.96
N PHE A 220 -1.67 1.51 -8.25
CA PHE A 220 -1.27 0.55 -9.26
C PHE A 220 0.24 0.39 -9.31
N GLY A 221 0.96 1.52 -9.28
CA GLY A 221 2.41 1.45 -9.27
C GLY A 221 2.96 0.84 -7.99
N ASN A 222 2.38 1.19 -6.85
CA ASN A 222 2.81 0.63 -5.58
C ASN A 222 2.57 -0.88 -5.55
N GLN A 223 1.42 -1.33 -6.06
CA GLN A 223 1.15 -2.76 -6.10
C GLN A 223 1.98 -3.46 -7.17
N LEU A 224 2.37 -2.73 -8.22
CA LEU A 224 3.24 -3.31 -9.24
C LEU A 224 4.60 -3.67 -8.66
N GLY A 225 5.14 -2.82 -7.78
CA GLY A 225 6.40 -3.13 -7.14
C GLY A 225 6.35 -4.42 -6.36
N ILE A 226 5.25 -4.66 -5.64
CA ILE A 226 5.06 -5.95 -4.99
C ILE A 226 4.98 -7.05 -6.04
N ALA A 227 4.24 -6.80 -7.11
CA ALA A 227 4.12 -7.82 -8.17
C ALA A 227 5.47 -8.13 -8.79
N ILE A 228 6.28 -7.11 -9.06
CA ILE A 228 7.63 -7.32 -9.58
C ILE A 228 8.48 -8.03 -8.54
N GLY A 229 8.28 -7.72 -7.25
CA GLY A 229 9.11 -8.28 -6.21
C GLY A 229 8.98 -9.79 -6.03
N PHE A 230 7.90 -10.39 -6.54
CA PHE A 230 7.76 -11.84 -6.40
C PHE A 230 8.64 -12.61 -7.38
N LEU A 231 8.81 -12.11 -8.61
CA LEU A 231 9.46 -12.90 -9.64
C LEU A 231 10.85 -12.41 -10.03
N VAL A 232 11.21 -11.18 -9.72
CA VAL A 232 12.51 -10.66 -10.11
C VAL A 232 13.63 -11.15 -9.18
N PRO A 233 13.49 -11.05 -7.86
CA PRO A 233 14.56 -11.53 -6.97
C PRO A 233 14.89 -13.01 -7.17
N PRO A 234 13.89 -13.91 -7.29
CA PRO A 234 14.25 -15.33 -7.41
C PRO A 234 15.05 -15.69 -8.64
N VAL A 235 15.01 -14.86 -9.69
CA VAL A 235 15.82 -15.14 -10.87
C VAL A 235 17.16 -14.41 -10.84
N LEU A 236 17.25 -13.30 -10.11
CA LEU A 236 18.52 -12.61 -9.94
C LEU A 236 19.43 -13.31 -8.94
N VAL A 237 18.85 -13.94 -7.93
CA VAL A 237 19.59 -14.59 -6.87
C VAL A 237 19.27 -16.08 -6.86
N PRO A 238 20.10 -16.90 -7.48
CA PRO A 238 19.91 -18.35 -7.39
C PRO A 238 20.18 -18.85 -5.99
N ASN A 239 19.53 -19.95 -5.63
CA ASN A 239 19.70 -20.56 -4.32
C ASN A 239 20.94 -21.45 -4.29
N ILE A 240 22.09 -20.81 -4.50
CA ILE A 240 23.37 -21.50 -4.54
C ILE A 240 23.95 -21.55 -3.14
N GLU A 241 24.52 -22.70 -2.79
CA GLU A 241 25.09 -22.89 -1.46
C GLU A 241 26.33 -22.03 -1.22
N ASP A 242 27.15 -21.82 -2.25
CA ASP A 242 28.40 -21.09 -2.08
C ASP A 242 28.12 -19.65 -1.66
N ARG A 243 28.79 -19.21 -0.59
CA ARG A 243 28.48 -17.92 0.01
C ARG A 243 28.99 -16.77 -0.86
N ASP A 244 30.23 -16.86 -1.35
CA ASP A 244 30.81 -15.74 -2.08
C ASP A 244 30.07 -15.47 -3.38
N GLU A 245 29.67 -16.53 -4.10
CA GLU A 245 28.88 -16.36 -5.30
C GLU A 245 27.48 -15.87 -4.96
N LEU A 246 26.92 -16.33 -3.84
CA LEU A 246 25.61 -15.88 -3.41
C LEU A 246 25.61 -14.38 -3.11
N ALA A 247 26.69 -13.90 -2.48
CA ALA A 247 26.81 -12.46 -2.23
C ALA A 247 26.91 -11.69 -3.53
N TYR A 248 27.64 -12.23 -4.52
CA TYR A 248 27.76 -11.56 -5.80
C TYR A 248 26.42 -11.46 -6.51
N HIS A 249 25.63 -12.53 -6.49
CA HIS A 249 24.30 -12.48 -7.09
C HIS A 249 23.38 -11.53 -6.36
N ILE A 250 23.44 -11.54 -5.01
CA ILE A 250 22.66 -10.59 -4.23
C ILE A 250 23.12 -9.17 -4.50
N SER A 251 24.43 -8.99 -4.71
CA SER A 251 24.97 -7.66 -5.00
C SER A 251 24.37 -7.08 -6.27
N ILE A 252 24.13 -7.94 -7.27
CA ILE A 252 23.59 -7.46 -8.55
C ILE A 252 22.21 -6.87 -8.36
N MET A 253 21.37 -7.50 -7.54
CA MET A 253 20.04 -6.96 -7.28
C MET A 253 20.13 -5.61 -6.59
N PHE A 254 21.02 -5.49 -5.60
CA PHE A 254 21.14 -4.24 -4.86
C PHE A 254 21.64 -3.11 -5.76
N TYR A 255 22.59 -3.42 -6.65
CA TYR A 255 23.05 -2.41 -7.60
C TYR A 255 21.93 -1.95 -8.52
N ILE A 256 21.13 -2.88 -9.03
CA ILE A 256 20.02 -2.53 -9.90
C ILE A 256 19.00 -1.67 -9.15
N ILE A 257 18.65 -2.09 -7.94
CA ILE A 257 17.69 -1.32 -7.14
C ILE A 257 18.28 0.02 -6.73
N GLY A 258 19.56 0.03 -6.33
CA GLY A 258 20.23 1.29 -6.10
C GLY A 258 20.34 2.12 -7.35
N GLY A 259 20.53 1.46 -8.50
CA GLY A 259 20.61 2.19 -9.76
C GLY A 259 19.31 2.85 -10.15
N VAL A 260 18.20 2.12 -10.03
CA VAL A 260 16.91 2.70 -10.43
C VAL A 260 16.43 3.73 -9.42
N ALA A 261 16.68 3.49 -8.12
CA ALA A 261 16.26 4.45 -7.10
C ALA A 261 17.00 5.76 -7.25
N THR A 262 18.31 5.70 -7.52
CA THR A 262 19.05 6.93 -7.80
C THR A 262 18.60 7.58 -9.10
N LEU A 263 18.30 6.76 -10.12
CA LEU A 263 17.77 7.31 -11.37
C LEU A 263 16.42 7.97 -11.14
N LEU A 264 15.56 7.34 -10.34
CA LEU A 264 14.26 7.95 -10.05
C LEU A 264 14.39 9.15 -9.14
N LEU A 265 15.35 9.13 -8.21
CA LEU A 265 15.61 10.32 -7.40
C LEU A 265 16.06 11.48 -8.27
N ILE A 266 16.85 11.20 -9.31
CA ILE A 266 17.26 12.24 -10.25
C ILE A 266 16.04 12.81 -10.97
N LEU A 267 15.11 11.94 -11.38
CA LEU A 267 13.91 12.41 -12.06
C LEU A 267 13.04 13.27 -11.13
N VAL A 268 12.91 12.85 -9.87
CA VAL A 268 12.07 13.59 -8.93
C VAL A 268 12.58 15.01 -8.74
N ILE A 269 13.90 15.21 -8.84
CA ILE A 269 14.47 16.54 -8.69
C ILE A 269 13.97 17.46 -9.80
N ILE A 270 13.89 16.95 -11.03
CA ILE A 270 13.56 17.79 -12.18
C ILE A 270 12.11 17.64 -12.65
N VAL A 271 11.41 16.58 -12.27
CA VAL A 271 10.04 16.37 -12.75
C VAL A 271 9.04 16.88 -11.74
N PHE A 272 9.19 16.46 -10.47
CA PHE A 272 8.28 16.87 -9.41
C PHE A 272 8.31 18.36 -9.17
N LYS A 273 7.22 19.05 -9.47
CA LYS A 273 7.06 20.44 -9.10
C LYS A 273 6.24 20.53 -7.81
N GLU A 274 6.31 21.71 -7.16
CA GLU A 274 5.57 21.91 -5.93
C GLU A 274 4.06 21.83 -6.19
N LYS A 275 3.59 22.49 -7.25
CA LYS A 275 2.18 22.46 -7.62
C LYS A 275 2.05 22.99 -9.03
N PRO A 276 1.02 22.58 -9.77
CA PRO A 276 0.83 23.11 -11.12
C PRO A 276 0.55 24.60 -11.11
N LYS A 277 0.90 25.26 -12.21
CA LYS A 277 0.70 26.71 -12.31
C LYS A 277 -0.78 27.08 -12.16
N TYR A 278 -1.68 26.20 -12.55
CA TYR A 278 -3.11 26.44 -12.42
C TYR A 278 -3.77 25.31 -11.64
N PRO A 279 -4.73 25.63 -10.76
CA PRO A 279 -5.45 24.58 -10.04
C PRO A 279 -6.21 23.69 -11.00
N PRO A 280 -6.23 22.38 -10.76
CA PRO A 280 -6.88 21.47 -11.72
C PRO A 280 -8.40 21.48 -11.64
N SER A 281 -8.97 21.64 -10.45
CA SER A 281 -10.42 21.52 -10.28
C SER A 281 -10.90 22.62 -9.36
N ARG A 282 -12.24 22.77 -9.29
CA ARG A 282 -12.81 23.73 -8.35
C ARG A 282 -12.58 23.31 -6.91
N ALA A 283 -12.43 22.00 -6.66
CA ALA A 283 -12.15 21.55 -5.30
C ALA A 283 -10.81 22.06 -4.81
N GLN A 284 -9.78 22.01 -5.66
CA GLN A 284 -8.47 22.50 -5.25
C GLN A 284 -8.43 24.03 -5.21
N SER A 285 -9.12 24.68 -6.14
CA SER A 285 -9.15 26.14 -6.13
C SER A 285 -9.81 26.67 -4.87
N LEU A 286 -10.89 26.02 -4.43
CA LEU A 286 -11.54 26.41 -3.19
C LEU A 286 -10.73 25.98 -1.97
N SER A 287 -10.01 24.86 -2.07
CA SER A 287 -9.19 24.40 -0.95
C SER A 287 -8.08 25.39 -0.64
N TYR A 288 -7.46 25.97 -1.68
CA TYR A 288 -6.37 26.92 -1.46
C TYR A 288 -6.85 28.21 -0.81
N ALA A 289 -8.15 28.50 -0.88
CA ALA A 289 -8.68 29.70 -0.24
C ALA A 289 -9.21 29.43 1.17
N LEU A 290 -9.78 28.24 1.39
CA LEU A 290 -10.33 27.85 2.69
C LEU A 290 -9.44 26.85 3.41
N THR A 291 -8.12 26.99 3.29
CA THR A 291 -7.18 26.05 3.87
C THR A 291 -6.81 26.40 5.31
N ALA A 295 -5.46 27.53 12.09
CA ALA A 295 -4.11 27.26 11.61
C ALA A 295 -3.41 26.13 12.37
N SER A 296 -3.91 25.76 13.54
CA SER A 296 -3.27 24.73 14.34
C SER A 296 -3.34 23.37 13.63
N TYR A 297 -2.20 22.69 13.55
CA TYR A 297 -2.19 21.35 12.97
C TYR A 297 -2.99 20.38 13.82
N LEU A 298 -2.86 20.47 15.15
CA LEU A 298 -3.66 19.60 16.02
C LEU A 298 -5.14 19.89 15.90
N GLY A 299 -5.52 21.13 15.56
CA GLY A 299 -6.91 21.42 15.30
C GLY A 299 -7.45 20.66 14.10
N SER A 300 -6.64 20.53 13.05
CA SER A 300 -7.04 19.73 11.91
C SER A 300 -7.19 18.25 12.29
N ILE A 301 -6.31 17.76 13.16
CA ILE A 301 -6.45 16.40 13.67
C ILE A 301 -7.73 16.27 14.49
N ALA A 302 -8.01 17.26 15.35
CA ALA A 302 -9.19 17.20 16.19
C ALA A 302 -10.47 17.21 15.37
N ARG A 303 -10.53 18.06 14.35
CA ARG A 303 -11.75 18.15 13.54
C ARG A 303 -11.96 16.90 12.70
N LEU A 304 -10.89 16.19 12.33
CA LEU A 304 -11.05 14.93 11.62
C LEU A 304 -11.73 13.89 12.49
N PHE A 305 -11.36 13.84 13.78
CA PHE A 305 -11.97 12.89 14.70
C PHE A 305 -13.31 13.38 15.23
N LYS A 306 -13.65 14.65 15.04
CA LYS A 306 -15.00 15.11 15.33
C LYS A 306 -15.99 14.65 14.26
N ASN A 307 -15.50 14.25 13.09
CA ASN A 307 -16.35 13.77 12.02
C ASN A 307 -16.72 12.31 12.30
N LEU A 308 -18.01 12.06 12.52
CA LEU A 308 -18.47 10.71 12.79
C LEU A 308 -18.25 9.81 11.58
N ASN A 309 -18.49 10.33 10.37
CA ASN A 309 -18.32 9.52 9.17
C ASN A 309 -16.87 9.10 8.98
N PHE A 310 -15.93 10.03 9.18
CA PHE A 310 -14.52 9.71 8.95
C PHE A 310 -14.02 8.68 9.96
N VAL A 311 -14.46 8.79 11.21
CA VAL A 311 -14.05 7.83 12.23
C VAL A 311 -14.52 6.42 11.86
N LEU A 312 -15.75 6.31 11.36
CA LEU A 312 -16.24 5.02 10.89
C LEU A 312 -15.42 4.52 9.70
N LEU A 313 -15.04 5.43 8.80
CA LEU A 313 -14.24 5.02 7.64
C LEU A 313 -12.83 4.61 8.07
N VAL A 314 -12.28 5.26 9.08
CA VAL A 314 -10.94 4.90 9.56
C VAL A 314 -10.94 3.46 10.07
N ILE A 315 -11.95 3.09 10.84
CA ILE A 315 -12.04 1.73 11.36
C ILE A 315 -12.29 0.74 10.23
N THR A 316 -13.26 1.03 9.36
CA THR A 316 -13.63 0.09 8.31
C THR A 316 -12.50 -0.10 7.31
N TYR A 317 -11.82 0.98 6.93
CA TYR A 317 -10.69 0.85 6.02
C TYR A 317 -9.57 0.01 6.66
N GLY A 318 -9.30 0.24 7.94
CA GLY A 318 -8.33 -0.59 8.63
C GLY A 318 -8.76 -2.05 8.71
N LEU A 319 -10.07 -2.28 8.84
CA LEU A 319 -10.57 -3.65 8.87
C LEU A 319 -10.36 -4.34 7.52
N ASN A 320 -10.42 -3.59 6.43
CA ASN A 320 -10.27 -4.19 5.11
C ASN A 320 -8.82 -4.25 4.67
N ALA A 321 -8.14 -3.09 4.64
CA ALA A 321 -6.75 -3.06 4.23
C ALA A 321 -5.88 -3.85 5.20
N GLY A 322 -6.19 -3.79 6.50
CA GLY A 322 -5.46 -4.60 7.46
C GLY A 322 -5.67 -6.08 7.25
N ALA A 323 -6.89 -6.48 6.86
CA ALA A 323 -7.13 -7.87 6.51
C ALA A 323 -6.34 -8.27 5.27
N PHE A 324 -6.22 -7.36 4.31
CA PHE A 324 -5.43 -7.65 3.11
C PHE A 324 -3.97 -7.89 3.46
N TYR A 325 -3.41 -7.08 4.36
CA TYR A 325 -2.02 -7.29 4.76
C TYR A 325 -1.85 -8.63 5.46
N ALA A 326 -2.81 -9.00 6.32
CA ALA A 326 -2.75 -10.30 6.96
C ALA A 326 -3.01 -11.44 5.97
N LEU A 327 -3.88 -11.18 4.98
CA LEU A 327 -4.16 -12.21 3.97
C LEU A 327 -2.96 -12.43 3.07
N SER A 328 -2.36 -11.34 2.57
CA SER A 328 -1.25 -11.47 1.64
C SER A 328 -0.01 -12.04 2.31
N THR A 329 0.23 -11.69 3.58
CA THR A 329 1.40 -12.20 4.28
C THR A 329 1.26 -13.66 4.64
N LEU A 330 0.09 -14.07 5.12
CA LEU A 330 -0.14 -15.45 5.55
C LEU A 330 -0.69 -16.33 4.44
N LEU A 331 -0.81 -15.82 3.21
CA LEU A 331 -1.32 -16.64 2.13
C LEU A 331 -0.38 -17.80 1.82
N ASN A 332 0.92 -17.55 1.83
CA ASN A 332 1.88 -18.58 1.46
C ASN A 332 1.80 -19.77 2.41
N ARG A 333 1.78 -19.51 3.72
CA ARG A 333 1.76 -20.59 4.69
C ARG A 333 0.42 -21.30 4.78
N MET A 334 -0.66 -20.64 4.34
CA MET A 334 -1.97 -21.29 4.36
C MET A 334 -2.12 -22.30 3.24
N VAL A 335 -1.57 -22.01 2.06
CA VAL A 335 -1.68 -22.94 0.94
C VAL A 335 -0.85 -24.19 1.19
N ILE A 336 0.37 -24.03 1.71
CA ILE A 336 1.22 -25.19 1.98
C ILE A 336 0.61 -26.08 3.05
N TRP A 337 -0.16 -25.50 3.97
CA TRP A 337 -0.85 -26.31 4.97
C TRP A 337 -1.82 -27.29 4.34
N HIS A 338 -2.42 -26.92 3.21
CA HIS A 338 -3.46 -27.79 2.61
C HIS A 338 -2.92 -28.43 1.33
N TYR A 339 -1.97 -27.76 0.67
CA TYR A 339 -1.40 -28.28 -0.57
C TYR A 339 0.10 -28.42 -0.39
N PRO A 340 0.56 -29.50 0.25
CA PRO A 340 2.01 -29.68 0.46
C PRO A 340 2.73 -29.82 -0.87
N GLY A 341 3.96 -29.31 -0.90
CA GLY A 341 4.78 -29.40 -2.08
C GLY A 341 4.40 -28.50 -3.22
N GLU A 342 3.63 -27.44 -2.96
CA GLU A 342 3.20 -26.50 -3.99
C GLU A 342 3.73 -25.09 -3.71
N GLU A 343 4.99 -25.00 -3.31
CA GLU A 343 5.59 -23.69 -3.04
C GLU A 343 5.70 -22.86 -4.30
N VAL A 344 5.97 -23.50 -5.44
CA VAL A 344 6.04 -22.78 -6.70
C VAL A 344 4.69 -22.19 -7.05
N ASN A 345 3.62 -22.97 -6.86
CA ASN A 345 2.27 -22.47 -7.14
C ASN A 345 1.80 -21.50 -6.07
N ALA A 346 2.23 -21.68 -4.82
CA ALA A 346 1.84 -20.75 -3.77
C ALA A 346 2.34 -19.34 -4.07
N GLY A 347 3.55 -19.24 -4.62
CA GLY A 347 4.01 -17.95 -5.11
C GLY A 347 3.18 -17.44 -6.27
N ARG A 348 2.75 -18.36 -7.13
CA ARG A 348 1.88 -17.97 -8.27
C ARG A 348 0.55 -17.46 -7.71
N ILE A 349 -0.03 -18.16 -6.74
CA ILE A 349 -1.26 -17.70 -6.12
C ILE A 349 -1.03 -16.36 -5.42
N GLY A 350 0.08 -16.23 -4.70
CA GLY A 350 0.43 -14.96 -4.09
C GLY A 350 0.76 -13.88 -5.10
N LEU A 351 1.04 -14.26 -6.35
CA LEU A 351 1.21 -13.30 -7.42
C LEU A 351 -0.11 -12.99 -8.10
N THR A 352 -1.00 -13.97 -8.19
CA THR A 352 -2.33 -13.73 -8.77
C THR A 352 -3.10 -12.72 -7.95
N ILE A 353 -3.04 -12.82 -6.63
CA ILE A 353 -3.71 -11.88 -5.75
C ILE A 353 -3.18 -10.46 -5.94
N VAL A 354 -1.98 -10.33 -6.51
CA VAL A 354 -1.42 -9.04 -6.85
C VAL A 354 -1.57 -8.75 -8.34
N ILE A 355 -1.44 -9.77 -9.19
CA ILE A 355 -1.62 -9.58 -10.62
C ILE A 355 -3.02 -9.09 -10.92
N ALA A 356 -4.03 -9.72 -10.30
CA ALA A 356 -5.38 -9.22 -10.40
C ALA A 356 -5.59 -7.99 -9.52
N GLY A 357 -4.68 -7.74 -8.58
CA GLY A 357 -4.85 -6.62 -7.67
C GLY A 357 -4.82 -5.27 -8.37
N MET A 358 -3.84 -5.07 -9.25
CA MET A 358 -3.73 -3.76 -9.90
C MET A 358 -4.80 -3.58 -10.97
N LEU A 359 -5.25 -4.68 -11.58
CA LEU A 359 -6.35 -4.59 -12.52
C LEU A 359 -7.62 -4.08 -11.84
N GLY A 360 -7.88 -4.55 -10.62
CA GLY A 360 -8.99 -4.03 -9.85
C GLY A 360 -8.79 -2.58 -9.44
N ALA A 361 -7.55 -2.22 -9.07
CA ALA A 361 -7.28 -0.86 -8.65
C ALA A 361 -7.52 0.13 -9.77
N VAL A 362 -7.05 -0.18 -10.98
CA VAL A 362 -7.26 0.72 -12.10
C VAL A 362 -8.72 0.79 -12.47
N ILE A 363 -9.42 -0.35 -12.45
CA ILE A 363 -10.85 -0.37 -12.75
C ILE A 363 -11.63 0.43 -11.72
N SER A 364 -11.27 0.30 -10.44
CA SER A 364 -11.96 1.05 -9.40
C SER A 364 -11.81 2.55 -9.58
N GLY A 365 -10.63 2.99 -10.03
CA GLY A 365 -10.43 4.41 -10.27
C GLY A 365 -11.28 4.94 -11.40
N ILE A 366 -11.36 4.21 -12.51
CA ILE A 366 -12.16 4.66 -13.64
C ILE A 366 -13.65 4.60 -13.31
N TRP A 367 -14.09 3.53 -12.65
CA TRP A 367 -15.50 3.41 -12.32
C TRP A 367 -15.95 4.49 -11.35
N LEU A 368 -15.14 4.79 -10.34
CA LEU A 368 -15.50 5.84 -9.38
C LEU A 368 -15.65 7.18 -10.06
N ASP A 369 -14.74 7.49 -10.99
CA ASP A 369 -14.81 8.79 -11.66
C ASP A 369 -15.89 8.82 -12.72
N ARG A 370 -16.26 7.70 -13.29
CA ARG A 370 -17.32 7.81 -14.32
C ARG A 370 -18.66 7.97 -13.61
N SER A 371 -18.87 7.28 -12.48
CA SER A 371 -20.18 7.26 -11.86
C SER A 371 -20.31 8.19 -10.66
N LYS A 372 -19.19 8.53 -10.00
CA LYS A 372 -19.18 9.40 -8.82
C LYS A 372 -19.98 8.82 -7.65
N THR A 373 -20.21 7.51 -7.65
CA THR A 373 -20.89 6.86 -6.54
C THR A 373 -19.85 6.28 -5.57
N TYR A 374 -19.35 7.17 -4.71
CA TYR A 374 -18.32 6.77 -3.76
C TYR A 374 -18.91 5.94 -2.62
N LYS A 375 -20.09 6.30 -2.16
CA LYS A 375 -20.64 5.57 -0.98
C LYS A 375 -21.18 4.22 -1.41
N GLU A 376 -21.92 4.19 -2.52
CA GLU A 376 -22.50 2.93 -2.96
C GLU A 376 -21.42 1.93 -3.32
N THR A 377 -20.37 2.37 -4.01
CA THR A 377 -19.28 1.47 -4.37
C THR A 377 -18.55 0.97 -3.13
N THR A 378 -18.39 1.84 -2.12
CA THR A 378 -17.68 1.44 -0.91
C THR A 378 -18.39 0.28 -0.21
N LEU A 379 -19.72 0.34 -0.12
CA LEU A 379 -20.46 -0.76 0.48
C LEU A 379 -20.44 -1.99 -0.41
N VAL A 380 -20.59 -1.80 -1.72
CA VAL A 380 -20.63 -2.93 -2.64
C VAL A 380 -19.29 -3.65 -2.69
N VAL A 381 -18.21 -2.88 -2.82
CA VAL A 381 -16.88 -3.49 -2.85
C VAL A 381 -16.57 -4.16 -1.51
N TYR A 382 -16.98 -3.52 -0.41
CA TYR A 382 -16.71 -4.10 0.90
C TYR A 382 -17.45 -5.41 1.10
N ILE A 383 -18.70 -5.50 0.65
CA ILE A 383 -19.43 -6.75 0.73
C ILE A 383 -18.77 -7.81 -0.16
N MET A 384 -18.44 -7.44 -1.40
CA MET A 384 -17.75 -8.38 -2.28
C MET A 384 -16.43 -8.83 -1.68
N THR A 385 -15.76 -7.96 -0.94
CA THR A 385 -14.59 -8.37 -0.17
C THR A 385 -14.99 -9.41 0.88
N LEU A 386 -16.11 -9.17 1.56
CA LEU A 386 -16.59 -10.13 2.56
C LEU A 386 -17.01 -11.45 1.91
N VAL A 387 -17.79 -11.39 0.83
CA VAL A 387 -18.18 -12.62 0.14
C VAL A 387 -16.96 -13.32 -0.43
N GLY A 388 -16.02 -12.55 -0.99
CA GLY A 388 -14.78 -13.15 -1.47
C GLY A 388 -14.00 -13.84 -0.38
N MET A 389 -14.02 -13.30 0.84
CA MET A 389 -13.33 -13.94 1.96
C MET A 389 -14.11 -15.14 2.46
N VAL A 390 -15.45 -15.10 2.41
CA VAL A 390 -16.24 -16.24 2.86
C VAL A 390 -16.07 -17.42 1.91
N VAL A 391 -16.14 -17.16 0.60
CA VAL A 391 -15.96 -18.25 -0.37
C VAL A 391 -14.53 -18.78 -0.33
N TYR A 392 -13.55 -17.90 -0.10
CA TYR A 392 -12.17 -18.36 -0.04
C TYR A 392 -11.96 -19.28 1.16
N THR A 393 -12.59 -18.96 2.29
CA THR A 393 -12.41 -19.76 3.51
C THR A 393 -12.97 -21.16 3.34
N PHE A 394 -14.16 -21.29 2.76
CA PHE A 394 -14.88 -22.57 2.74
C PHE A 394 -14.62 -23.39 1.48
N THR A 395 -13.84 -22.87 0.52
CA THR A 395 -13.46 -23.65 -0.65
C THR A 395 -11.98 -24.01 -0.70
N LEU A 396 -11.15 -23.38 0.13
CA LEU A 396 -9.75 -23.78 0.20
C LEU A 396 -9.60 -25.19 0.74
N ASN A 397 -10.57 -25.66 1.52
CA ASN A 397 -10.50 -26.98 2.12
C ASN A 397 -10.78 -28.07 1.09
N LEU A 398 -11.57 -27.75 0.05
CA LEU A 398 -12.04 -28.78 -0.87
C LEU A 398 -10.90 -29.47 -1.62
N GLY A 399 -9.74 -28.83 -1.75
CA GLY A 399 -8.61 -29.47 -2.38
C GLY A 399 -8.44 -29.18 -3.86
N HIS A 400 -9.17 -28.22 -4.41
CA HIS A 400 -9.04 -27.84 -5.82
C HIS A 400 -8.12 -26.62 -5.90
N LEU A 401 -7.02 -26.77 -6.64
CA LEU A 401 -6.04 -25.69 -6.71
C LEU A 401 -6.54 -24.50 -7.50
N TRP A 402 -7.21 -24.74 -8.62
CA TRP A 402 -7.69 -23.63 -9.45
C TRP A 402 -8.78 -22.82 -8.75
N VAL A 403 -9.50 -23.42 -7.81
CA VAL A 403 -10.48 -22.67 -7.03
C VAL A 403 -9.78 -21.63 -6.18
N VAL A 404 -8.65 -21.99 -5.56
CA VAL A 404 -7.90 -21.04 -4.76
C VAL A 404 -7.36 -19.92 -5.64
N PHE A 405 -6.99 -20.25 -6.89
CA PHE A 405 -6.53 -19.22 -7.82
C PHE A 405 -7.63 -18.19 -8.08
N ILE A 406 -8.86 -18.65 -8.29
CA ILE A 406 -9.95 -17.74 -8.60
C ILE A 406 -10.34 -16.92 -7.38
N THR A 407 -10.45 -17.58 -6.22
CA THR A 407 -10.87 -16.87 -5.01
C THR A 407 -9.82 -15.84 -4.58
N ALA A 408 -8.54 -16.21 -4.64
CA ALA A 408 -7.49 -15.24 -4.32
C ALA A 408 -7.45 -14.11 -5.32
N GLY A 409 -7.63 -14.43 -6.61
CA GLY A 409 -7.68 -13.38 -7.62
C GLY A 409 -8.89 -12.46 -7.46
N THR A 410 -10.07 -13.05 -7.22
CA THR A 410 -11.27 -12.24 -7.03
C THR A 410 -11.17 -11.38 -5.78
N MET A 411 -10.73 -11.98 -4.66
CA MET A 411 -10.59 -11.21 -3.43
C MET A 411 -9.49 -10.16 -3.57
N GLY A 412 -8.39 -10.52 -4.21
CA GLY A 412 -7.36 -9.54 -4.51
C GLY A 412 -7.86 -8.46 -5.46
N PHE A 413 -8.80 -8.80 -6.33
CA PHE A 413 -9.39 -7.81 -7.23
C PHE A 413 -10.13 -6.75 -6.44
N PHE A 414 -10.87 -7.14 -5.40
CA PHE A 414 -11.69 -6.21 -4.65
C PHE A 414 -10.95 -5.56 -3.50
N MET A 415 -10.14 -6.33 -2.75
CA MET A 415 -9.40 -5.75 -1.65
C MET A 415 -8.41 -4.69 -2.12
N THR A 416 -7.70 -4.97 -3.22
CA THR A 416 -6.79 -3.98 -3.79
C THR A 416 -7.56 -2.83 -4.42
N GLY A 417 -8.74 -3.11 -4.98
CA GLY A 417 -9.57 -2.05 -5.50
C GLY A 417 -10.20 -1.17 -4.44
N TYR A 418 -10.24 -1.64 -3.19
CA TYR A 418 -10.74 -0.84 -2.09
C TYR A 418 -9.74 0.23 -1.66
N LEU A 419 -8.44 0.00 -1.90
CA LEU A 419 -7.43 0.97 -1.47
C LEU A 419 -7.59 2.34 -2.13
N PRO A 420 -7.74 2.46 -3.46
CA PRO A 420 -8.02 3.79 -4.02
C PRO A 420 -9.43 4.26 -3.70
N LEU A 421 -10.38 3.34 -3.57
CA LEU A 421 -11.73 3.71 -3.17
C LEU A 421 -11.74 4.25 -1.75
N GLY A 422 -10.99 3.62 -0.84
CA GLY A 422 -10.92 4.13 0.51
C GLY A 422 -10.22 5.48 0.61
N PHE A 423 -9.13 5.65 -0.14
CA PHE A 423 -8.42 6.93 -0.12
C PHE A 423 -9.28 8.06 -0.65
N GLU A 424 -10.00 7.82 -1.74
CA GLU A 424 -10.82 8.86 -2.35
C GLU A 424 -12.11 9.12 -1.57
N PHE A 425 -12.69 8.09 -0.96
CA PHE A 425 -13.88 8.31 -0.16
C PHE A 425 -13.57 9.11 1.11
N ALA A 426 -12.35 8.94 1.65
CA ALA A 426 -11.96 9.73 2.81
C ALA A 426 -11.86 11.21 2.46
N VAL A 427 -11.38 11.53 1.26
CA VAL A 427 -11.31 12.92 0.84
C VAL A 427 -12.72 13.50 0.69
N GLU A 428 -13.68 12.68 0.27
CA GLU A 428 -15.06 13.15 0.16
C GLU A 428 -15.60 13.55 1.53
N LEU A 429 -15.35 12.72 2.55
CA LEU A 429 -15.90 12.97 3.88
C LEU A 429 -15.17 14.06 4.63
N THR A 430 -13.90 14.33 4.30
CA THR A 430 -13.06 15.22 5.10
C THR A 430 -12.62 16.46 4.35
N TYR A 431 -13.26 16.77 3.23
CA TYR A 431 -12.95 18.01 2.53
C TYR A 431 -13.33 19.21 3.41
N PRO A 432 -12.51 20.27 3.43
CA PRO A 432 -11.26 20.44 2.69
C PRO A 432 -10.00 20.22 3.54
N GLU A 433 -10.03 19.26 4.45
CA GLU A 433 -8.83 18.98 5.24
C GLU A 433 -7.74 18.38 4.36
N SER A 434 -6.51 18.44 4.85
CA SER A 434 -5.36 17.99 4.07
C SER A 434 -5.51 16.51 3.71
N GLU A 435 -5.27 16.20 2.43
CA GLU A 435 -5.42 14.83 1.96
C GLU A 435 -4.34 13.92 2.53
N GLY A 436 -3.18 14.48 2.88
CA GLY A 436 -2.16 13.68 3.52
C GLY A 436 -2.57 13.20 4.90
N ILE A 437 -3.22 14.08 5.68
CA ILE A 437 -3.71 13.68 7.00
C ILE A 437 -4.88 12.72 6.89
N SER A 438 -5.83 13.02 5.99
CA SER A 438 -7.04 12.22 5.90
C SER A 438 -6.74 10.81 5.40
N SER A 439 -6.00 10.71 4.29
CA SER A 439 -5.64 9.39 3.79
C SER A 439 -4.57 8.74 4.66
N GLY A 440 -3.77 9.54 5.35
CA GLY A 440 -2.77 8.98 6.24
C GLY A 440 -3.40 8.27 7.43
N LEU A 441 -4.41 8.87 8.04
CA LEU A 441 -5.05 8.26 9.20
C LEU A 441 -5.71 6.92 8.83
N LEU A 442 -6.13 6.78 7.57
CA LEU A 442 -6.57 5.47 7.09
C LEU A 442 -5.43 4.47 7.13
N ASN A 443 -4.22 4.90 6.75
CA ASN A 443 -3.09 3.99 6.69
C ASN A 443 -2.68 3.51 8.08
N ILE A 444 -2.68 4.40 9.07
CA ILE A 444 -2.34 3.99 10.43
C ILE A 444 -3.28 2.88 10.90
N SER A 445 -4.58 3.04 10.64
CA SER A 445 -5.53 1.98 10.96
C SER A 445 -5.22 0.71 10.16
N ALA A 446 -4.80 0.89 8.91
CA ALA A 446 -4.40 -0.27 8.10
C ALA A 446 -3.19 -0.97 8.69
N GLN A 447 -2.20 -0.20 9.15
CA GLN A 447 -1.02 -0.80 9.77
C GLN A 447 -1.36 -1.39 11.14
N VAL A 448 -2.15 -0.68 11.95
CA VAL A 448 -2.48 -1.15 13.28
C VAL A 448 -3.27 -2.45 13.21
N PHE A 449 -4.29 -2.49 12.35
CA PHE A 449 -5.06 -3.71 12.20
C PHE A 449 -4.28 -4.77 11.43
N GLY A 450 -3.43 -4.35 10.48
CA GLY A 450 -2.59 -5.31 9.79
C GLY A 450 -1.61 -5.99 10.72
N ILE A 451 -1.00 -5.22 11.62
CA ILE A 451 -0.09 -5.81 12.61
C ILE A 451 -0.84 -6.70 13.57
N ILE A 452 -2.01 -6.25 14.05
CA ILE A 452 -2.79 -7.06 14.97
C ILE A 452 -3.26 -8.35 14.31
N PHE A 453 -3.77 -8.24 13.08
CA PHE A 453 -4.28 -9.41 12.38
C PHE A 453 -3.17 -10.41 12.08
N THR A 454 -2.02 -9.92 11.63
CA THR A 454 -0.91 -10.80 11.31
C THR A 454 -0.44 -11.57 12.54
N ILE A 455 -0.34 -10.89 13.67
CA ILE A 455 0.06 -11.57 14.91
C ILE A 455 -1.07 -12.48 15.40
N SER A 456 -2.31 -12.01 15.33
CA SER A 456 -3.43 -12.80 15.85
C SER A 456 -3.71 -14.00 14.95
N GLN A 457 -3.92 -13.76 13.65
CA GLN A 457 -4.26 -14.85 12.74
C GLN A 457 -3.16 -15.90 12.69
N GLY A 458 -1.91 -15.47 12.88
CA GLY A 458 -0.82 -16.43 12.98
C GLY A 458 -0.94 -17.29 14.22
N GLN A 459 -1.49 -16.74 15.30
CA GLN A 459 -1.63 -17.50 16.54
C GLN A 459 -2.77 -18.51 16.44
N ILE A 460 -3.90 -18.11 15.85
CA ILE A 460 -5.03 -19.03 15.72
C ILE A 460 -4.69 -20.16 14.76
N ILE A 461 -3.97 -19.86 13.68
CA ILE A 461 -3.57 -20.90 12.74
C ILE A 461 -2.66 -21.92 13.40
N ASP A 462 -1.70 -21.44 14.20
CA ASP A 462 -0.79 -22.35 14.89
C ASP A 462 -1.52 -23.22 15.90
N ASN A 463 -2.48 -22.64 16.63
CA ASN A 463 -3.12 -23.35 17.73
C ASN A 463 -4.37 -24.09 17.30
N TYR A 464 -5.36 -23.39 16.75
CA TYR A 464 -6.66 -23.96 16.47
C TYR A 464 -6.87 -24.42 15.05
N GLY A 465 -6.06 -23.94 14.10
CA GLY A 465 -6.19 -24.33 12.71
C GLY A 465 -6.38 -23.14 11.79
N THR A 466 -6.29 -23.44 10.50
CA THR A 466 -6.36 -22.40 9.48
C THR A 466 -7.78 -21.89 9.27
N LYS A 467 -8.80 -22.71 9.52
CA LYS A 467 -10.17 -22.28 9.26
C LYS A 467 -10.64 -21.27 10.31
N PRO A 468 -10.41 -21.49 11.61
CA PRO A 468 -10.70 -20.41 12.58
C PRO A 468 -9.93 -19.14 12.28
N GLY A 469 -8.71 -19.25 11.76
CA GLY A 469 -7.95 -18.05 11.42
C GLY A 469 -8.58 -17.27 10.29
N ASN A 470 -9.07 -17.97 9.26
CA ASN A 470 -9.73 -17.28 8.15
C ASN A 470 -11.09 -16.73 8.57
N ILE A 471 -11.83 -17.48 9.39
CA ILE A 471 -13.11 -17.00 9.89
C ILE A 471 -12.90 -15.76 10.76
N PHE A 472 -11.79 -15.71 11.50
CA PHE A 472 -11.46 -14.54 12.29
C PHE A 472 -11.44 -13.29 11.42
N LEU A 473 -10.96 -13.41 10.18
CA LEU A 473 -11.03 -12.28 9.26
C LEU A 473 -12.44 -12.10 8.71
N CYS A 474 -13.17 -13.20 8.49
CA CYS A 474 -14.55 -13.08 8.02
C CYS A 474 -15.44 -12.38 9.03
N VAL A 475 -15.28 -12.72 10.31
CA VAL A 475 -16.08 -12.08 11.35
C VAL A 475 -15.74 -10.59 11.47
N PHE A 476 -14.45 -10.26 11.42
CA PHE A 476 -14.06 -8.86 11.53
C PHE A 476 -14.41 -8.07 10.28
N LEU A 477 -14.38 -8.70 9.11
CA LEU A 477 -14.85 -8.03 7.90
C LEU A 477 -16.37 -7.87 7.91
N THR A 478 -17.07 -8.78 8.58
CA THR A 478 -18.52 -8.64 8.71
C THR A 478 -18.89 -7.39 9.50
N LEU A 479 -18.14 -7.11 10.57
CA LEU A 479 -18.37 -5.88 11.32
C LEU A 479 -18.09 -4.65 10.47
N GLY A 480 -17.05 -4.72 9.63
CA GLY A 480 -16.73 -3.59 8.78
C GLY A 480 -17.85 -3.24 7.82
N ALA A 481 -18.51 -4.25 7.26
CA ALA A 481 -19.63 -4.00 6.36
C ALA A 481 -20.79 -3.33 7.09
N ALA A 482 -21.05 -3.77 8.33
CA ALA A 482 -22.12 -3.15 9.11
C ALA A 482 -21.81 -1.68 9.40
N LEU A 483 -20.57 -1.38 9.77
CA LEU A 483 -20.20 0.01 10.03
C LEU A 483 -20.13 0.83 8.76
N THR A 484 -19.79 0.20 7.62
CA THR A 484 -19.75 0.92 6.36
C THR A 484 -21.13 1.41 5.96
N ALA A 485 -22.16 0.62 6.20
CA ALA A 485 -23.52 1.02 5.88
C ALA A 485 -23.97 2.22 6.70
N PHE A 486 -23.34 2.48 7.84
CA PHE A 486 -23.68 3.62 8.68
C PHE A 486 -22.99 4.91 8.25
N ILE A 487 -22.07 4.84 7.28
CA ILE A 487 -21.39 6.03 6.80
C ILE A 487 -22.35 6.82 5.92
N LYS A 488 -22.54 8.09 6.24
CA LYS A 488 -23.41 8.93 5.43
C LYS A 488 -22.72 9.28 4.12
N ALA A 489 -23.53 9.50 3.08
CA ALA A 489 -23.03 9.87 1.76
C ALA A 489 -22.73 11.37 1.70
N ASP A 490 -21.90 11.81 2.63
CA ASP A 490 -21.54 13.22 2.75
C ASP A 490 -20.31 13.48 1.88
N LEU A 491 -20.56 13.67 0.58
CA LEU A 491 -19.50 13.94 -0.38
C LEU A 491 -19.29 15.45 -0.45
N ARG A 492 -18.38 15.95 0.39
CA ARG A 492 -18.16 17.39 0.48
C ARG A 492 -17.44 17.92 -0.74
N ARG A 493 -16.46 17.18 -1.25
CA ARG A 493 -15.72 17.63 -2.43
C ARG A 493 -16.62 17.70 -3.65
N GLN A 494 -17.53 16.72 -3.79
CA GLN A 494 -18.47 16.75 -4.91
C GLN A 494 -19.37 17.98 -4.83
N LYS A 495 -19.76 18.38 -3.62
CA LYS A 495 -20.56 19.59 -3.46
C LYS A 495 -19.77 20.83 -3.92
N ALA A 496 -18.47 20.86 -3.63
CA ALA A 496 -17.64 21.98 -4.06
C ALA A 496 -17.54 22.04 -5.57
N ASN A 497 -17.42 20.88 -6.23
CA ASN A 497 -17.32 20.87 -7.69
C ASN A 497 -18.60 21.36 -8.35
N LYS A 498 -19.75 20.97 -7.82
CA LYS A 498 -21.04 21.27 -8.44
C LYS A 498 -21.57 22.65 -8.07
N GLU A 499 -20.83 23.42 -7.26
CA GLU A 499 -21.32 24.74 -6.84
C GLU A 499 -21.51 25.66 -8.05
N THR A 500 -20.58 25.63 -8.99
CA THR A 500 -20.62 26.43 -10.21
C THR A 500 -20.81 27.92 -9.90
#